data_8TJ1
#
_entry.id   8TJ1
#
_cell.length_a   72.946
_cell.length_b   133.506
_cell.length_c   134.060
_cell.angle_alpha   90.000
_cell.angle_beta   90.000
_cell.angle_gamma   90.000
#
_symmetry.space_group_name_H-M   'I 2 2 2'
#
loop_
_entity.id
_entity.type
_entity.pdbx_description
1 polymer "DNA (5'-D(CP*CP*CP*GP*GP*AP*CP*CP*TP*GP*TP*GP*AP*CP*AP*AP*AP*TP*TP*GP*CP*CP*CP*TP*CP*AP*GP*AP*CP*GP*GP*A)-3')|"
2 polymer "DNA (5'-D(GP*GP*CP*CP*GP*TP*CP*TP*GP*AP*GP*GP*GP*CP*AP*AP*TP*TP*TP*GP*TP*CP*AP*CP*AP*GP*GP*TP*CP*CP*GP*A)-3')"
3 polymer 'Replication initiation protein'
4 non-polymer 'MAGNESIUM ION'
5 water water
#
loop_
_entity_poly.entity_id
_entity_poly.type
_entity_poly.pdbx_seq_one_letter_code
_entity_poly.pdbx_strand_id
1 'polydeoxyribonucleotide'
;(DC)(DC)(DC)(DG)(DG)(DA)(DC)(DC)(DT)(DG)(DT)(DG)(DA)(DC)(DA)(DA)(DA)(DT)(DT)(DG)
(DC)(DC)(DC)(DT)(DC)(DA)(DG)(DA)(DC)(DG)(DG)(DA)
;
A
2 'polydeoxyribonucleotide'
;(DG)(DG)(DC)(DC)(DG)(DT)(DC)(DT)(DG)(DA)(DG)(DG)(DG)(DC)(DA)(DA)(DT)(DT)(DT)(DG)
(DT)(DC)(DA)(DC)(DA)(DG)(DG)(DT)(DC)(DC)(DG)(DA)
;
B
3 'polypeptide(L)'
;MRGSHHHHHHGSMAETAVINHKKRKNSPRIVQSNDLTEAAYSLSRDQKRMLYLFVDQIRKSDGTLQEHDGICEIHVAKYA
EIFGLTSAEASKDIRQALKSFAGKEVVFYRPEEDAGDEKGYESFPWFIKPAHSPSRGLYSVHINPYLIPFFIGLQNRFTQ
FRLSETKEITNPYAMRLYESLCQYRKPDGSGIVSLKIDWIIERYQLPQSYQRMPDFRRRFLQVCVNEINSRTPMRLSYIE
KKKGRQTTHIVFSFRDITSMTTG
;
C
#
loop_
_chem_comp.id
_chem_comp.type
_chem_comp.name
_chem_comp.formula
DA DNA linking 2'-DEOXYADENOSINE-5'-MONOPHOSPHATE 'C10 H14 N5 O6 P'
DC DNA linking 2'-DEOXYCYTIDINE-5'-MONOPHOSPHATE 'C9 H14 N3 O7 P'
DG DNA linking 2'-DEOXYGUANOSINE-5'-MONOPHOSPHATE 'C10 H14 N5 O7 P'
DT DNA linking THYMIDINE-5'-MONOPHOSPHATE 'C10 H15 N2 O8 P'
MG non-polymer 'MAGNESIUM ION' 'Mg 2'
#
# COMPACT_ATOMS: atom_id res chain seq x y z
N SER C 27 4.10 -9.23 -15.81
CA SER C 27 3.14 -8.23 -15.34
C SER C 27 3.87 -6.94 -14.88
N PRO C 28 3.14 -5.84 -14.71
CA PRO C 28 3.80 -4.55 -14.44
C PRO C 28 4.66 -4.53 -13.18
N ARG C 29 5.88 -3.98 -13.32
CA ARG C 29 6.84 -3.84 -12.22
C ARG C 29 6.68 -2.46 -11.59
N ILE C 30 6.08 -2.41 -10.40
CA ILE C 30 5.92 -1.18 -9.62
C ILE C 30 7.27 -0.78 -9.00
N VAL C 31 7.64 0.49 -9.13
CA VAL C 31 8.74 1.01 -8.33
C VAL C 31 8.29 2.34 -7.72
N GLN C 32 8.78 2.63 -6.52
CA GLN C 32 8.41 3.86 -5.83
C GLN C 32 9.52 4.24 -4.87
N SER C 33 9.67 5.54 -4.64
CA SER C 33 10.62 5.99 -3.63
C SER C 33 10.31 5.38 -2.27
N ASN C 34 11.38 5.02 -1.55
CA ASN C 34 11.18 4.55 -0.18
C ASN C 34 10.40 5.56 0.64
N ASP C 35 10.46 6.85 0.28
CA ASP C 35 9.70 7.85 1.05
C ASP C 35 8.20 7.59 1.00
N LEU C 36 7.71 7.00 -0.10
CA LEU C 36 6.29 6.66 -0.17
C LEU C 36 5.95 5.40 0.64
N THR C 37 6.82 4.37 0.60
CA THR C 37 6.61 3.15 1.37
C THR C 37 6.46 3.42 2.88
N GLU C 38 7.20 4.42 3.39
CA GLU C 38 7.26 4.75 4.81
C GLU C 38 6.45 6.00 5.16
N ALA C 39 5.62 6.49 4.23
CA ALA C 39 4.79 7.66 4.48
C ALA C 39 3.62 7.28 5.38
N ALA C 40 3.02 8.26 6.03
CA ALA C 40 1.82 8.01 6.84
C ALA C 40 0.57 8.35 6.06
N TYR C 41 -0.31 7.36 5.86
CA TYR C 41 -1.56 7.63 5.16
C TYR C 41 -2.51 6.47 5.39
N SER C 42 -3.77 6.72 5.08
CA SER C 42 -4.81 5.72 5.23
C SER C 42 -5.61 5.65 3.92
N LEU C 43 -5.40 4.60 3.14
CA LEU C 43 -6.13 4.39 1.89
C LEU C 43 -6.76 3.00 1.92
N SER C 44 -7.90 2.85 1.24
CA SER C 44 -8.52 1.54 1.12
C SER C 44 -7.77 0.67 0.10
N ARG C 45 -8.15 -0.63 0.06
CA ARG C 45 -7.60 -1.52 -0.96
C ARG C 45 -7.88 -0.98 -2.35
N ASP C 46 -9.15 -0.65 -2.64
CA ASP C 46 -9.45 -0.15 -3.98
C ASP C 46 -8.65 1.12 -4.27
N GLN C 47 -8.52 1.99 -3.26
CA GLN C 47 -7.73 3.18 -3.50
C GLN C 47 -6.27 2.83 -3.72
N LYS C 48 -5.74 1.93 -2.92
CA LYS C 48 -4.35 1.55 -3.09
C LYS C 48 -4.11 0.88 -4.44
N ARG C 49 -5.05 0.08 -4.93
CA ARG C 49 -4.90 -0.52 -6.24
C ARG C 49 -4.78 0.55 -7.34
N MET C 50 -5.73 1.48 -7.37
CA MET C 50 -5.64 2.60 -8.31
C MET C 50 -4.33 3.35 -8.15
N LEU C 51 -3.90 3.54 -6.92
CA LEU C 51 -2.68 4.28 -6.69
C LEU C 51 -1.52 3.60 -7.38
N TYR C 52 -1.55 2.27 -7.48
CA TYR C 52 -0.45 1.58 -8.18
C TYR C 52 -0.40 1.97 -9.65
N LEU C 53 -1.56 2.17 -10.28
CA LEU C 53 -1.58 2.52 -11.70
C LEU C 53 -1.14 3.95 -11.92
N PHE C 54 -1.51 4.87 -11.04
CA PHE C 54 -1.02 6.24 -11.17
C PHE C 54 0.50 6.31 -11.18
N VAL C 55 1.14 5.68 -10.19
CA VAL C 55 2.61 5.65 -10.12
C VAL C 55 3.21 5.03 -11.38
N ASP C 56 2.58 3.99 -11.93
CA ASP C 56 3.05 3.39 -13.17
C ASP C 56 2.90 4.36 -14.35
N GLN C 57 1.76 5.03 -14.43
CA GLN C 57 1.51 5.97 -15.51
C GLN C 57 2.46 7.15 -15.44
N ILE C 58 2.47 7.84 -14.29
CA ILE C 58 3.38 8.98 -14.09
C ILE C 58 4.82 8.61 -14.39
N ARG C 59 5.30 7.50 -13.83
CA ARG C 59 6.70 7.15 -13.96
C ARG C 59 7.12 6.87 -15.40
N LYS C 60 6.21 6.35 -16.23
CA LYS C 60 6.48 6.04 -17.65
C LYS C 60 6.26 7.33 -18.45
N SER C 61 7.27 8.21 -18.35
CA SER C 61 7.30 9.51 -19.05
C SER C 61 8.73 10.08 -19.08
N ASP C 69 3.12 16.46 -15.65
CA ASP C 69 2.09 17.42 -15.26
C ASP C 69 1.11 16.89 -14.19
N GLY C 70 1.03 15.58 -14.02
CA GLY C 70 0.22 14.96 -12.97
C GLY C 70 -1.18 14.48 -13.29
N ILE C 71 -1.65 14.61 -14.54
CA ILE C 71 -3.00 14.17 -14.94
C ILE C 71 -2.97 12.72 -15.44
N CYS C 72 -3.71 11.83 -14.77
CA CYS C 72 -3.78 10.42 -15.14
C CYS C 72 -5.20 10.01 -15.58
N GLU C 73 -5.32 8.76 -16.02
CA GLU C 73 -6.56 8.24 -16.60
C GLU C 73 -6.70 6.78 -16.24
N ILE C 74 -7.97 6.34 -16.07
CA ILE C 74 -8.28 4.94 -15.77
C ILE C 74 -9.43 4.49 -16.67
N HIS C 75 -9.26 3.35 -17.33
CA HIS C 75 -10.29 2.73 -18.15
C HIS C 75 -10.92 1.61 -17.34
N VAL C 76 -12.25 1.64 -17.26
CA VAL C 76 -12.98 0.59 -16.53
C VAL C 76 -12.57 -0.78 -17.04
N ALA C 77 -12.62 -0.97 -18.36
CA ALA C 77 -12.41 -2.28 -18.96
C ALA C 77 -10.97 -2.76 -18.75
N LYS C 78 -10.00 -1.85 -18.69
CA LYS C 78 -8.62 -2.25 -18.36
C LYS C 78 -8.49 -2.68 -16.90
N TYR C 79 -9.07 -1.90 -15.99
CA TYR C 79 -9.06 -2.28 -14.57
C TYR C 79 -9.69 -3.65 -14.38
N ALA C 80 -10.84 -3.90 -15.03
CA ALA C 80 -11.52 -5.18 -14.85
C ALA C 80 -10.63 -6.36 -15.27
N GLU C 81 -9.93 -6.24 -16.39
CA GLU C 81 -9.10 -7.35 -16.85
C GLU C 81 -7.91 -7.59 -15.94
N ILE C 82 -7.31 -6.52 -15.42
CA ILE C 82 -6.13 -6.65 -14.56
C ILE C 82 -6.45 -7.39 -13.27
N PHE C 83 -7.55 -7.01 -12.62
CA PHE C 83 -7.87 -7.57 -11.29
C PHE C 83 -9.00 -8.61 -11.34
N GLY C 84 -9.32 -9.13 -12.51
CA GLY C 84 -10.37 -10.13 -12.64
C GLY C 84 -11.73 -9.83 -12.02
N LEU C 85 -12.25 -8.64 -12.27
CA LEU C 85 -13.57 -8.22 -11.85
C LEU C 85 -14.47 -8.09 -13.08
N THR C 86 -15.78 -8.08 -12.85
CA THR C 86 -16.69 -7.69 -13.91
C THR C 86 -16.62 -6.18 -14.14
N SER C 87 -17.12 -5.74 -15.29
CA SER C 87 -17.19 -4.31 -15.60
C SER C 87 -18.05 -3.56 -14.60
N ALA C 88 -19.20 -4.13 -14.22
CA ALA C 88 -20.09 -3.52 -13.25
C ALA C 88 -19.39 -3.28 -11.91
N GLU C 89 -18.79 -4.33 -11.33
CA GLU C 89 -18.17 -4.15 -10.01
C GLU C 89 -16.92 -3.27 -10.07
N ALA C 90 -16.17 -3.33 -11.17
CA ALA C 90 -15.10 -2.37 -11.42
C ALA C 90 -15.60 -0.93 -11.39
N SER C 91 -16.62 -0.61 -12.16
CA SER C 91 -17.20 0.72 -12.16
C SER C 91 -17.49 1.18 -10.74
N LYS C 92 -18.14 0.30 -9.95
CA LYS C 92 -18.42 0.64 -8.55
C LYS C 92 -17.14 0.89 -7.77
N ASP C 93 -16.10 0.06 -7.98
CA ASP C 93 -14.89 0.22 -7.20
C ASP C 93 -14.23 1.54 -7.54
N ILE C 94 -14.03 1.80 -8.82
CA ILE C 94 -13.44 3.07 -9.21
C ILE C 94 -14.28 4.22 -8.65
N ARG C 95 -15.59 4.21 -8.91
CA ARG C 95 -16.40 5.36 -8.52
C ARG C 95 -16.34 5.67 -7.03
N GLN C 96 -16.50 4.63 -6.19
CA GLN C 96 -16.58 4.91 -4.75
C GLN C 96 -15.21 5.22 -4.18
N ALA C 97 -14.17 4.48 -4.59
CA ALA C 97 -12.78 4.84 -4.25
C ALA C 97 -12.50 6.31 -4.57
N LEU C 98 -12.90 6.74 -5.76
CA LEU C 98 -12.55 8.09 -6.22
C LEU C 98 -13.19 9.17 -5.36
N LYS C 99 -14.46 9.03 -5.03
CA LYS C 99 -15.04 10.09 -4.20
C LYS C 99 -14.55 10.04 -2.76
N SER C 100 -13.98 8.93 -2.33
CA SER C 100 -13.46 8.85 -0.99
C SER C 100 -12.04 9.39 -0.90
N PHE C 101 -11.43 9.83 -2.03
CA PHE C 101 -10.11 10.47 -1.97
C PHE C 101 -10.20 11.89 -1.41
N ALA C 102 -11.34 12.55 -1.61
CA ALA C 102 -11.51 13.94 -1.20
C ALA C 102 -11.20 14.10 0.28
N GLY C 103 -10.37 15.09 0.61
CA GLY C 103 -10.01 15.28 2.01
C GLY C 103 -8.90 14.40 2.55
N LYS C 104 -8.48 13.35 1.83
CA LYS C 104 -7.35 12.51 2.23
C LYS C 104 -5.99 13.25 2.11
N GLU C 105 -5.07 12.96 3.03
CA GLU C 105 -3.79 13.69 3.12
C GLU C 105 -2.66 12.69 3.30
N VAL C 106 -1.43 13.12 2.99
CA VAL C 106 -0.26 12.26 3.04
C VAL C 106 0.76 13.03 3.87
N VAL C 107 1.45 12.33 4.79
CA VAL C 107 2.43 12.93 5.69
C VAL C 107 3.77 12.22 5.46
N PHE C 108 4.82 12.99 5.17
CA PHE C 108 6.20 12.47 5.09
C PHE C 108 7.04 12.99 6.28
N TYR C 109 7.64 12.08 7.06
CA TYR C 109 8.30 12.46 8.32
C TYR C 109 9.79 12.83 8.21
N TYR C 121 7.69 17.56 9.96
CA TYR C 121 6.90 16.80 8.99
C TYR C 121 6.13 17.74 8.03
N GLU C 122 5.66 17.18 6.92
CA GLU C 122 4.97 17.94 5.88
C GLU C 122 3.77 17.14 5.33
N SER C 123 2.58 17.76 5.33
CA SER C 123 1.32 17.13 4.91
C SER C 123 0.81 17.68 3.58
N PHE C 124 0.33 16.79 2.68
CA PHE C 124 -0.19 17.11 1.33
C PHE C 124 -1.46 16.34 1.01
N PRO C 125 -2.36 16.95 0.22
CA PRO C 125 -3.49 16.20 -0.35
C PRO C 125 -3.18 15.41 -1.60
N TRP C 126 -3.85 14.24 -1.74
CA TRP C 126 -3.62 13.45 -2.94
C TRP C 126 -4.11 14.16 -4.18
N PHE C 127 -5.35 14.63 -4.17
CA PHE C 127 -5.97 15.27 -5.33
C PHE C 127 -6.15 16.76 -5.10
N ILE C 128 -6.01 17.54 -6.17
CA ILE C 128 -6.22 18.98 -6.05
C ILE C 128 -7.41 19.45 -6.86
N LYS C 129 -8.17 18.53 -7.48
CA LYS C 129 -9.40 18.79 -8.22
C LYS C 129 -10.19 17.50 -8.20
N PRO C 130 -11.52 17.55 -8.13
CA PRO C 130 -12.30 16.31 -8.22
C PRO C 130 -12.12 15.61 -9.55
N ALA C 131 -12.28 14.29 -9.52
CA ALA C 131 -12.33 13.50 -10.74
C ALA C 131 -13.59 13.80 -11.57
N HIS C 132 -13.51 13.45 -12.85
CA HIS C 132 -14.63 13.65 -13.76
C HIS C 132 -14.45 12.69 -14.94
N SER C 133 -15.58 12.35 -15.57
CA SER C 133 -15.57 11.38 -16.66
C SER C 133 -15.92 12.05 -17.99
N PRO C 134 -14.95 12.29 -18.88
CA PRO C 134 -15.31 12.81 -20.21
C PRO C 134 -16.04 11.77 -21.05
N SER C 135 -15.63 10.51 -20.98
CA SER C 135 -16.24 9.48 -21.78
C SER C 135 -16.71 8.37 -20.85
N ARG C 136 -17.71 7.63 -21.32
CA ARG C 136 -18.23 6.47 -20.59
C ARG C 136 -17.14 5.42 -20.44
N GLY C 137 -16.89 4.98 -19.21
CA GLY C 137 -15.86 3.98 -18.99
C GLY C 137 -14.48 4.54 -18.85
N LEU C 138 -14.36 5.86 -18.64
CA LEU C 138 -13.11 6.59 -18.66
C LEU C 138 -13.19 7.63 -17.57
N TYR C 139 -12.15 7.71 -16.73
CA TYR C 139 -12.10 8.74 -15.69
C TYR C 139 -10.78 9.52 -15.78
N SER C 140 -10.84 10.83 -15.55
CA SER C 140 -9.65 11.68 -15.55
C SER C 140 -9.43 12.31 -14.18
N VAL C 141 -8.19 12.22 -13.69
CA VAL C 141 -7.83 12.60 -12.35
C VAL C 141 -6.59 13.49 -12.35
N HIS C 142 -6.51 14.38 -11.37
CA HIS C 142 -5.49 15.41 -11.22
C HIS C 142 -4.68 15.13 -9.96
N ILE C 143 -3.57 14.39 -10.07
CA ILE C 143 -2.74 14.19 -8.90
C ILE C 143 -2.02 15.49 -8.55
N ASN C 144 -1.92 15.76 -7.25
CA ASN C 144 -1.18 16.90 -6.69
C ASN C 144 0.19 16.84 -7.34
N PRO C 145 0.50 17.77 -8.24
CA PRO C 145 1.80 17.74 -8.90
C PRO C 145 3.00 17.84 -7.97
N TYR C 146 2.84 18.39 -6.78
CA TYR C 146 3.94 18.39 -5.82
C TYR C 146 4.30 17.01 -5.29
N LEU C 147 3.47 15.99 -5.55
CA LEU C 147 3.77 14.62 -5.14
C LEU C 147 4.71 13.91 -6.09
N ILE C 148 4.81 14.39 -7.34
CA ILE C 148 5.62 13.73 -8.37
C ILE C 148 7.01 13.34 -7.87
N PRO C 149 7.81 14.25 -7.29
CA PRO C 149 9.18 13.88 -6.91
C PRO C 149 9.25 12.80 -5.85
N PHE C 150 8.22 12.69 -5.02
CA PHE C 150 8.17 11.64 -4.01
C PHE C 150 7.92 10.29 -4.65
N PHE C 151 7.32 10.26 -5.82
CA PHE C 151 7.09 8.97 -6.44
C PHE C 151 8.39 8.44 -7.02
N ILE C 152 9.20 9.31 -7.63
CA ILE C 152 10.41 8.91 -8.33
C ILE C 152 11.61 9.55 -7.62
N GLY C 153 12.47 8.73 -7.02
CA GLY C 153 13.64 9.25 -6.34
C GLY C 153 14.98 8.99 -7.03
N ARG C 157 17.92 3.95 -3.46
CA ARG C 157 16.99 4.27 -2.37
C ARG C 157 15.49 4.13 -2.78
N PHE C 158 15.10 2.94 -3.25
CA PHE C 158 13.78 2.72 -3.86
C PHE C 158 13.30 1.29 -3.56
N THR C 159 11.98 1.06 -3.76
CA THR C 159 11.30 -0.22 -3.48
C THR C 159 10.67 -0.77 -4.76
N GLN C 160 10.72 -2.11 -4.96
CA GLN C 160 10.15 -2.68 -6.18
C GLN C 160 9.59 -4.08 -5.99
N PHE C 161 8.48 -4.33 -6.70
CA PHE C 161 7.71 -5.58 -6.65
C PHE C 161 6.80 -5.63 -7.89
N ARG C 162 6.52 -6.83 -8.38
CA ARG C 162 5.54 -7.00 -9.47
C ARG C 162 4.10 -7.02 -8.96
N LEU C 163 3.18 -6.49 -9.78
CA LEU C 163 1.80 -6.26 -9.33
C LEU C 163 1.08 -7.58 -9.04
N SER C 164 1.43 -8.65 -9.72
CA SER C 164 0.83 -9.93 -9.40
C SER C 164 1.14 -10.37 -7.97
N GLU C 165 2.21 -9.85 -7.35
CA GLU C 165 2.53 -10.22 -5.97
C GLU C 165 1.48 -9.74 -4.96
N THR C 166 0.81 -8.60 -5.21
CA THR C 166 -0.07 -8.01 -4.22
C THR C 166 -1.52 -8.03 -4.62
N LYS C 167 -1.83 -8.45 -5.84
CA LYS C 167 -3.17 -8.19 -6.33
C LYS C 167 -4.21 -9.11 -5.74
N GLU C 168 -3.80 -10.16 -5.01
CA GLU C 168 -4.79 -10.99 -4.33
C GLU C 168 -4.97 -10.63 -2.87
N ILE C 169 -4.10 -9.76 -2.31
CA ILE C 169 -4.29 -9.30 -0.93
C ILE C 169 -5.56 -8.47 -0.80
N THR C 170 -6.30 -8.69 0.28
CA THR C 170 -7.54 -7.98 0.54
C THR C 170 -7.41 -6.88 1.58
N ASN C 171 -6.73 -7.18 2.73
CA ASN C 171 -6.58 -6.22 3.82
C ASN C 171 -5.51 -5.21 3.46
N PRO C 172 -5.82 -3.91 3.47
CA PRO C 172 -4.85 -2.90 3.03
C PRO C 172 -3.61 -2.79 3.91
N TYR C 173 -3.74 -3.04 5.24
CA TYR C 173 -2.58 -3.02 6.13
C TYR C 173 -1.59 -4.08 5.72
N ALA C 174 -2.13 -5.17 5.19
CA ALA C 174 -1.29 -6.25 4.70
C ALA C 174 -0.58 -5.84 3.41
N MET C 175 -1.23 -5.03 2.59
CA MET C 175 -0.49 -4.42 1.50
C MET C 175 0.67 -3.57 2.05
N ARG C 176 0.37 -2.68 3.01
N ARG C 176 0.38 -2.68 3.01
CA ARG C 176 1.40 -1.76 3.47
CA ARG C 176 1.42 -1.75 3.45
C ARG C 176 2.60 -2.52 4.03
C ARG C 176 2.61 -2.51 4.04
N LEU C 177 2.34 -3.54 4.84
CA LEU C 177 3.39 -4.41 5.37
C LEU C 177 4.20 -5.10 4.27
N TYR C 178 3.53 -5.62 3.22
CA TYR C 178 4.32 -6.31 2.20
C TYR C 178 5.21 -5.33 1.46
N GLU C 179 4.77 -4.08 1.36
CA GLU C 179 5.59 -3.07 0.72
C GLU C 179 6.80 -2.77 1.58
N SER C 180 6.64 -2.81 2.90
N SER C 180 6.62 -2.77 2.90
CA SER C 180 7.75 -2.40 3.75
CA SER C 180 7.72 -2.43 3.80
C SER C 180 8.73 -3.55 3.97
C SER C 180 8.74 -3.54 3.86
N LEU C 181 8.32 -4.80 3.72
CA LEU C 181 9.28 -5.90 3.69
C LEU C 181 10.07 -5.90 2.37
N CYS C 182 9.40 -5.60 1.25
CA CYS C 182 10.09 -5.56 -0.03
C CYS C 182 11.24 -4.56 0.00
N GLN C 183 11.04 -3.42 0.68
CA GLN C 183 12.09 -2.41 0.80
C GLN C 183 13.43 -2.96 1.30
N TYR C 184 13.41 -4.07 2.03
CA TYR C 184 14.62 -4.69 2.58
C TYR C 184 14.97 -6.01 1.92
N ARG C 185 14.26 -6.40 0.86
CA ARG C 185 14.46 -7.72 0.28
C ARG C 185 15.79 -7.77 -0.48
N LYS C 186 16.41 -8.98 -0.49
CA LYS C 186 17.63 -9.17 -1.27
C LYS C 186 17.26 -9.77 -2.61
N PRO C 187 18.15 -9.61 -3.61
CA PRO C 187 17.91 -10.19 -4.95
C PRO C 187 17.39 -11.62 -4.92
N ASP C 188 18.01 -12.48 -4.12
CA ASP C 188 17.60 -13.87 -4.07
C ASP C 188 16.20 -14.01 -3.51
N GLY C 189 15.80 -13.10 -2.63
CA GLY C 189 14.41 -13.02 -2.27
C GLY C 189 14.23 -13.07 -0.78
N SER C 190 15.32 -13.01 -0.02
CA SER C 190 15.22 -13.12 1.42
C SER C 190 15.58 -11.80 2.08
N GLY C 191 15.21 -11.67 3.35
CA GLY C 191 15.58 -10.50 4.15
C GLY C 191 15.10 -10.64 5.58
N ILE C 192 15.50 -9.65 6.40
CA ILE C 192 15.13 -9.56 7.82
C ILE C 192 15.13 -8.10 8.27
N VAL C 193 14.10 -7.68 9.03
CA VAL C 193 13.98 -6.28 9.45
C VAL C 193 13.19 -6.19 10.76
N SER C 194 13.55 -5.22 11.59
CA SER C 194 12.88 -4.93 12.85
C SER C 194 12.15 -3.57 12.79
N LEU C 195 10.83 -3.60 12.93
CA LEU C 195 9.96 -2.43 12.94
C LEU C 195 9.42 -2.11 14.33
N LYS C 196 9.44 -0.84 14.70
CA LYS C 196 8.93 -0.43 16.00
C LYS C 196 7.41 -0.36 16.04
N ILE C 197 6.82 -0.80 17.16
CA ILE C 197 5.36 -0.86 17.20
C ILE C 197 4.78 0.55 17.17
N ASP C 198 5.32 1.50 17.94
CA ASP C 198 4.79 2.86 17.84
C ASP C 198 4.92 3.39 16.40
N TRP C 199 6.02 3.06 15.71
CA TRP C 199 6.18 3.52 14.32
C TRP C 199 5.20 2.86 13.34
N ILE C 200 4.89 1.56 13.53
CA ILE C 200 3.86 0.89 12.73
C ILE C 200 2.52 1.60 12.83
N ILE C 201 2.14 1.99 14.04
CA ILE C 201 0.82 2.58 14.24
C ILE C 201 0.70 3.97 13.58
N GLU C 202 1.74 4.80 13.66
N GLU C 202 1.75 4.79 13.65
CA GLU C 202 1.67 6.12 13.06
CA GLU C 202 1.70 6.12 13.06
C GLU C 202 1.67 6.01 11.53
C GLU C 202 1.74 6.07 11.54
N ARG C 203 2.47 5.09 11.00
CA ARG C 203 2.68 5.04 9.56
C ARG C 203 1.51 4.34 8.86
N TYR C 204 1.03 3.25 9.42
CA TYR C 204 -0.07 2.58 8.76
C TYR C 204 -1.42 3.16 9.18
N GLN C 205 -1.38 4.14 10.07
CA GLN C 205 -2.58 4.78 10.61
C GLN C 205 -3.57 3.70 11.05
N LEU C 206 -3.09 2.76 11.88
CA LEU C 206 -3.96 1.72 12.43
C LEU C 206 -4.99 2.36 13.35
N PRO C 207 -6.17 1.78 13.48
CA PRO C 207 -7.17 2.43 14.34
C PRO C 207 -6.84 2.30 15.81
N GLN C 208 -7.46 3.21 16.58
CA GLN C 208 -6.96 3.51 17.94
C GLN C 208 -7.07 2.30 18.86
N SER C 209 -8.12 1.49 18.69
CA SER C 209 -8.20 0.41 19.64
C SER C 209 -7.07 -0.61 19.51
N TYR C 210 -6.25 -0.56 18.47
CA TYR C 210 -5.12 -1.49 18.34
C TYR C 210 -3.89 -1.07 19.12
N GLN C 211 -3.99 0.03 19.88
CA GLN C 211 -3.00 0.32 20.89
C GLN C 211 -3.06 -0.61 22.10
N ARG C 212 -4.12 -1.41 22.29
CA ARG C 212 -4.11 -2.50 23.27
C ARG C 212 -3.54 -3.70 22.53
N MET C 213 -2.37 -4.16 22.97
CA MET C 213 -1.60 -5.15 22.20
C MET C 213 -2.36 -6.44 21.85
N PRO C 214 -3.19 -7.02 22.73
CA PRO C 214 -3.90 -8.25 22.31
C PRO C 214 -4.84 -8.01 21.14
N ASP C 215 -5.41 -6.82 21.02
CA ASP C 215 -6.20 -6.56 19.83
C ASP C 215 -5.29 -6.40 18.61
N PHE C 216 -4.12 -5.74 18.79
CA PHE C 216 -3.09 -5.61 17.76
C PHE C 216 -2.68 -6.98 17.22
N ARG C 217 -2.37 -7.89 18.12
CA ARG C 217 -2.03 -9.26 17.75
C ARG C 217 -3.15 -9.91 16.97
N ARG C 218 -4.38 -9.84 17.51
CA ARG C 218 -5.44 -10.71 17.01
C ARG C 218 -6.00 -10.22 15.68
N ARG C 219 -6.19 -8.90 15.53
CA ARG C 219 -6.90 -8.36 14.37
C ARG C 219 -6.00 -7.75 13.31
N PHE C 220 -4.73 -7.52 13.59
CA PHE C 220 -3.79 -6.96 12.61
C PHE C 220 -2.65 -7.93 12.34
N LEU C 221 -1.85 -8.26 13.35
CA LEU C 221 -0.63 -9.03 13.14
C LEU C 221 -0.88 -10.43 12.57
N GLN C 222 -1.68 -11.25 13.28
CA GLN C 222 -1.90 -12.63 12.83
C GLN C 222 -2.58 -12.71 11.46
N VAL C 223 -3.55 -11.85 11.19
CA VAL C 223 -4.26 -11.94 9.91
C VAL C 223 -3.33 -11.58 8.76
N CYS C 224 -2.52 -10.51 8.94
CA CYS C 224 -1.67 -10.07 7.84
C CYS C 224 -0.50 -11.01 7.66
N VAL C 225 0.00 -11.62 8.73
CA VAL C 225 1.00 -12.64 8.46
C VAL C 225 0.33 -13.80 7.71
N ASN C 226 -0.90 -14.14 8.10
N ASN C 226 -0.89 -14.17 8.12
CA ASN C 226 -1.58 -15.28 7.48
CA ASN C 226 -1.62 -15.27 7.48
C ASN C 226 -1.82 -15.02 5.98
C ASN C 226 -1.82 -15.02 5.98
N GLU C 227 -2.51 -13.92 5.65
CA GLU C 227 -2.76 -13.58 4.23
C GLU C 227 -1.49 -13.61 3.38
N ILE C 228 -0.41 -12.94 3.79
CA ILE C 228 0.83 -12.95 3.00
C ILE C 228 1.29 -14.36 2.70
N ASN C 229 1.34 -15.21 3.71
CA ASN C 229 1.75 -16.60 3.52
C ASN C 229 0.78 -17.37 2.62
N SER C 230 -0.48 -16.92 2.48
CA SER C 230 -1.49 -17.62 1.70
C SER C 230 -1.70 -17.04 0.31
N ARG C 231 -1.27 -15.80 0.07
CA ARG C 231 -1.62 -15.06 -1.13
C ARG C 231 -0.43 -14.51 -1.89
N THR C 232 0.81 -14.61 -1.36
CA THR C 232 2.01 -14.11 -2.07
C THR C 232 3.06 -15.21 -2.26
N PRO C 233 4.11 -14.97 -3.06
CA PRO C 233 5.20 -15.96 -3.16
C PRO C 233 6.23 -15.92 -2.02
N MET C 234 5.95 -15.26 -0.91
N MET C 234 5.89 -15.31 -0.90
CA MET C 234 6.93 -15.19 0.15
CA MET C 234 6.82 -15.10 0.20
C MET C 234 6.46 -15.90 1.41
C MET C 234 6.43 -15.92 1.42
N ARG C 235 7.44 -16.42 2.14
CA ARG C 235 7.23 -17.21 3.35
C ARG C 235 7.80 -16.43 4.51
N LEU C 236 6.91 -16.05 5.44
CA LEU C 236 7.14 -15.01 6.43
C LEU C 236 7.00 -15.61 7.83
N SER C 237 7.92 -15.23 8.72
CA SER C 237 7.85 -15.60 10.13
C SER C 237 8.16 -14.37 10.98
N TYR C 238 7.91 -14.45 12.29
CA TYR C 238 8.21 -13.27 13.10
C TYR C 238 8.44 -13.69 14.54
N ILE C 239 8.98 -12.74 15.31
CA ILE C 239 9.19 -12.88 16.75
C ILE C 239 9.07 -11.51 17.42
N GLU C 240 8.67 -11.51 18.69
CA GLU C 240 8.42 -10.27 19.42
C GLU C 240 9.62 -9.90 20.28
N LYS C 241 9.95 -8.61 20.27
CA LYS C 241 11.01 -8.09 21.12
C LYS C 241 10.34 -7.33 22.26
N LYS C 242 10.79 -7.59 23.47
CA LYS C 242 10.22 -7.03 24.68
C LYS C 242 11.27 -6.22 25.43
N LYS C 243 10.77 -5.32 26.26
CA LYS C 243 11.55 -4.53 27.19
C LYS C 243 10.71 -4.44 28.46
N GLY C 244 11.12 -5.19 29.49
CA GLY C 244 10.26 -5.32 30.65
C GLY C 244 9.03 -6.12 30.26
N ARG C 245 7.85 -5.60 30.62
CA ARG C 245 6.56 -6.17 30.25
C ARG C 245 6.06 -5.71 28.89
N GLN C 246 6.59 -4.60 28.35
CA GLN C 246 6.08 -4.05 27.12
C GLN C 246 6.75 -4.68 25.92
N THR C 247 5.95 -4.92 24.89
CA THR C 247 6.46 -5.35 23.60
C THR C 247 6.72 -4.09 22.82
N THR C 248 7.94 -3.94 22.32
CA THR C 248 8.40 -2.70 21.71
C THR C 248 8.60 -2.80 20.21
N HIS C 249 9.11 -3.94 19.70
CA HIS C 249 9.33 -4.13 18.27
C HIS C 249 8.80 -5.47 17.80
N ILE C 250 8.68 -5.59 16.47
CA ILE C 250 8.40 -6.88 15.84
C ILE C 250 9.52 -7.18 14.83
N VAL C 251 10.08 -8.39 14.91
CA VAL C 251 11.20 -8.82 14.07
C VAL C 251 10.70 -9.84 13.03
N PHE C 252 10.77 -9.45 11.75
CA PHE C 252 10.27 -10.22 10.61
C PHE C 252 11.40 -10.87 9.81
N SER C 253 11.25 -12.16 9.51
CA SER C 253 12.11 -12.87 8.57
C SER C 253 11.31 -13.44 7.41
N PHE C 254 11.91 -13.42 6.22
CA PHE C 254 11.25 -13.95 5.02
C PHE C 254 12.25 -14.44 3.97
N ARG C 255 11.75 -15.35 3.11
CA ARG C 255 12.44 -15.91 1.94
C ARG C 255 11.44 -15.96 0.78
N ASP C 256 11.93 -16.34 -0.42
CA ASP C 256 11.11 -16.43 -1.62
C ASP C 256 10.85 -17.90 -1.92
N ILE C 257 9.64 -18.21 -2.38
CA ILE C 257 9.30 -19.59 -2.72
C ILE C 257 9.76 -19.97 -4.13
MG MG D . -15.53 -4.66 -5.87
#